data_9KQA
#
_entry.id   9KQA
#
loop_
_entity.id
_entity.type
_entity.pdbx_description
1 polymer 'Soluble cytochrome b562,Synaptic vesicular amine transporter'
2 non-polymer (3S,5R,11bS)-9,10-dimethoxy-3-(2-methylpropyl)-1,3,4,6,7,11b-hexahydro-2H-pyrido[2,1-a]isoquinolin-2-one
#
_entity_poly.entity_id   1
_entity_poly.type   'polypeptide(L)'
_entity_poly.pdbx_seq_one_letter_code
;MADLEDNWETLNDNLKVIEKADNAAQVKDALTKMRAAALDAQKATPPKLEDKSPDSPEMKDFRHGFDILVGQIDDALKLA
NEGKVKEAQAAAEQLKTTRNAYIQKYLLQESRRSRKLILFIVFLALLLDNMLLTVVVPIIPSYLYSIKHEKNATEIQTAR
PVHTASISDSFQSIFSYYDNSTMVTGNATRDLTLHQTATQHMVTNASAVPSDCPSEDKDLLNENVQVGLLFASKATVQLI
TNPFIGLLTNRIGYPIPIFAGFCIMFVSTIMFAFSSSYAFLLIARSLQGIGSSCSSVAGMGMLASVYTDDEERGNVMGIA
LGGLAMGVLVGPPFGSVLYEFVGKTAPFLVLAALVLLDGAIQLFVLQPSRVQPESQKGTPLTTLLKDPYILIAAGSICFA
NMGIAMLEPALPIWMMETMCSRKWQLGVAFLPASISYLIGTNIFGILAHKMGRWLCALLGMIIVGVSILCIPFAKNIYGL
IAPNFGVGFAIGMVDSSMMPIMGYLVDLRHVSVYGSVYAIADVAFCMGYAIGPSAGGAIAKAIGFPWLMTIIGIIDILFA
PLCFFLRSPPAKEEKMAILMDHNCPIKTKMYTQNNIQSYPIGEDEESESDHHHHHHHHHHGSVEDYKDDDDK
;
_entity_poly.pdbx_strand_id   A
#
# COMPACT_ATOMS: atom_id res chain seq x y z
N ARG A 112 27.82 7.46 -2.29
CA ARG A 112 27.07 7.17 -1.06
C ARG A 112 25.60 7.51 -1.22
N ARG A 113 25.24 8.08 -2.37
CA ARG A 113 23.86 8.44 -2.64
C ARG A 113 23.42 8.11 -4.06
N SER A 114 24.02 7.09 -4.67
CA SER A 114 23.59 6.67 -6.00
C SER A 114 22.12 6.29 -6.01
N ARG A 115 21.45 6.55 -7.13
CA ARG A 115 20.01 6.35 -7.20
C ARG A 115 19.62 4.90 -6.94
N LYS A 116 20.45 3.96 -7.40
CA LYS A 116 20.15 2.54 -7.22
C LYS A 116 20.04 2.18 -5.74
N LEU A 117 20.88 2.78 -4.90
CA LEU A 117 20.87 2.43 -3.49
C LEU A 117 19.59 2.92 -2.82
N ILE A 118 19.15 4.13 -3.14
CA ILE A 118 17.92 4.64 -2.55
C ILE A 118 16.71 3.85 -3.06
N LEU A 119 16.73 3.47 -4.34
CA LEU A 119 15.67 2.62 -4.86
C LEU A 119 15.61 1.29 -4.13
N PHE A 120 16.77 0.67 -3.90
CA PHE A 120 16.81 -0.58 -3.15
C PHE A 120 16.33 -0.38 -1.72
N ILE A 121 16.62 0.79 -1.15
CA ILE A 121 16.14 1.07 0.20
C ILE A 121 14.63 1.05 0.23
N VAL A 122 14.02 1.80 -0.68
CA VAL A 122 12.56 1.86 -0.70
C VAL A 122 11.96 0.49 -0.99
N PHE A 123 12.58 -0.26 -1.88
CA PHE A 123 12.14 -1.62 -2.18
C PHE A 123 12.11 -2.47 -0.92
N LEU A 124 13.26 -2.60 -0.26
CA LEU A 124 13.32 -3.43 0.95
C LEU A 124 12.44 -2.87 2.05
N ALA A 125 12.27 -1.55 2.10
CA ALA A 125 11.40 -0.94 3.10
C ALA A 125 9.97 -1.41 2.95
N LEU A 126 9.40 -1.21 1.75
CA LEU A 126 8.02 -1.63 1.54
C LEU A 126 7.87 -3.13 1.65
N LEU A 127 8.90 -3.89 1.23
CA LEU A 127 8.83 -5.35 1.32
C LEU A 127 8.71 -5.80 2.78
N LEU A 128 9.64 -5.35 3.62
CA LEU A 128 9.59 -5.75 5.03
C LEU A 128 8.35 -5.20 5.71
N ASP A 129 7.91 -3.99 5.35
CA ASP A 129 6.73 -3.43 5.98
C ASP A 129 5.50 -4.28 5.70
N ASN A 130 5.24 -4.57 4.41
CA ASN A 130 4.09 -5.39 4.10
C ASN A 130 4.25 -6.83 4.57
N MET A 131 5.49 -7.30 4.73
CA MET A 131 5.68 -8.65 5.26
C MET A 131 5.28 -8.71 6.74
N LEU A 132 5.70 -7.70 7.52
CA LEU A 132 5.20 -7.59 8.89
C LEU A 132 3.71 -7.35 8.93
N LEU A 133 3.17 -6.70 7.90
CA LEU A 133 1.73 -6.49 7.82
C LEU A 133 1.00 -7.82 7.71
N THR A 134 1.36 -8.64 6.73
CA THR A 134 0.57 -9.81 6.37
C THR A 134 1.06 -11.09 7.05
N VAL A 135 2.12 -11.01 7.85
CA VAL A 135 2.65 -12.20 8.53
C VAL A 135 1.84 -12.55 9.76
N VAL A 136 1.01 -11.63 10.23
CA VAL A 136 0.17 -11.91 11.39
C VAL A 136 -1.12 -12.64 11.02
N VAL A 137 -1.35 -12.90 9.73
CA VAL A 137 -2.57 -13.60 9.33
C VAL A 137 -2.65 -15.01 9.90
N PRO A 138 -1.60 -15.83 9.83
CA PRO A 138 -1.65 -17.14 10.53
C PRO A 138 -1.68 -17.03 12.04
N ILE A 139 -1.68 -15.83 12.62
CA ILE A 139 -1.72 -15.65 14.06
C ILE A 139 -3.00 -14.97 14.51
N ILE A 140 -3.90 -14.65 13.59
CA ILE A 140 -5.15 -13.97 13.93
C ILE A 140 -6.10 -14.92 14.66
N PRO A 141 -6.40 -16.12 14.13
CA PRO A 141 -7.34 -16.99 14.85
C PRO A 141 -6.85 -17.41 16.23
N SER A 142 -5.54 -17.54 16.42
CA SER A 142 -4.99 -17.93 17.71
C SER A 142 -5.24 -16.87 18.78
N TYR A 143 -5.63 -15.66 18.39
CA TYR A 143 -6.07 -14.66 19.34
C TYR A 143 -7.57 -14.39 19.25
N LEU A 144 -8.21 -14.82 18.16
CA LEU A 144 -9.66 -14.69 18.05
C LEU A 144 -10.38 -15.72 18.90
N TYR A 145 -10.13 -17.01 18.63
CA TYR A 145 -10.90 -18.08 19.24
C TYR A 145 -10.63 -18.25 20.73
N SER A 146 -9.52 -17.72 21.24
CA SER A 146 -9.16 -17.90 22.64
C SER A 146 -10.14 -17.18 23.57
N ASN A 222 -19.70 -14.96 6.08
CA ASN A 222 -20.02 -13.55 6.23
C ASN A 222 -18.77 -12.75 6.56
N GLU A 223 -18.95 -11.68 7.32
CA GLU A 223 -17.85 -10.77 7.67
C GLU A 223 -17.56 -10.85 9.16
N ASN A 224 -16.29 -10.70 9.51
CA ASN A 224 -15.87 -10.69 10.91
C ASN A 224 -15.74 -9.27 11.42
N VAL A 225 -15.87 -9.13 12.73
CA VAL A 225 -15.72 -7.82 13.36
C VAL A 225 -14.33 -7.64 13.94
N GLN A 226 -13.76 -8.69 14.53
CA GLN A 226 -12.44 -8.59 15.14
C GLN A 226 -11.36 -8.44 14.09
N VAL A 227 -11.40 -9.27 13.04
CA VAL A 227 -10.48 -9.10 11.93
C VAL A 227 -10.70 -7.75 11.27
N GLY A 228 -11.95 -7.29 11.23
CA GLY A 228 -12.21 -5.95 10.73
C GLY A 228 -11.47 -4.88 11.51
N LEU A 229 -11.46 -5.00 12.85
CA LEU A 229 -10.75 -4.03 13.66
C LEU A 229 -9.23 -4.15 13.47
N LEU A 230 -8.74 -5.37 13.32
CA LEU A 230 -7.31 -5.57 13.06
C LEU A 230 -6.91 -4.89 11.76
N PHE A 231 -7.72 -5.02 10.72
CA PHE A 231 -7.45 -4.31 9.47
C PHE A 231 -7.59 -2.81 9.66
N ALA A 232 -8.59 -2.37 10.44
CA ALA A 232 -8.92 -0.96 10.52
C ALA A 232 -7.83 -0.17 11.23
N SER A 233 -7.57 -0.51 12.50
CA SER A 233 -6.74 0.31 13.36
C SER A 233 -5.48 0.81 12.67
N LYS A 234 -4.73 -0.09 12.03
CA LYS A 234 -3.48 0.31 11.40
C LYS A 234 -3.72 1.30 10.26
N ALA A 235 -4.64 0.97 9.36
CA ALA A 235 -4.88 1.86 8.22
C ALA A 235 -5.41 3.22 8.67
N THR A 236 -6.26 3.23 9.69
CA THR A 236 -6.78 4.49 10.20
C THR A 236 -5.68 5.34 10.80
N VAL A 237 -4.76 4.73 11.55
CA VAL A 237 -3.65 5.50 12.11
C VAL A 237 -2.73 5.98 11.00
N GLN A 238 -2.54 5.15 9.97
CA GLN A 238 -1.74 5.56 8.82
C GLN A 238 -2.35 6.78 8.13
N LEU A 239 -3.68 6.79 8.01
CA LEU A 239 -4.36 7.94 7.41
C LEU A 239 -4.23 9.16 8.30
N ILE A 240 -4.24 8.96 9.62
CA ILE A 240 -4.07 10.08 10.54
C ILE A 240 -2.66 10.65 10.43
N THR A 241 -1.67 9.80 10.17
CA THR A 241 -0.28 10.23 10.27
C THR A 241 0.39 10.48 8.92
N ASN A 242 -0.30 10.29 7.80
CA ASN A 242 0.35 10.56 6.51
C ASN A 242 0.59 12.05 6.28
N PRO A 243 -0.40 12.95 6.41
CA PRO A 243 -0.11 14.36 6.11
C PRO A 243 0.91 14.99 7.04
N PHE A 244 0.88 14.61 8.31
CA PHE A 244 1.88 15.15 9.23
C PHE A 244 3.28 14.71 8.84
N ILE A 245 3.42 13.50 8.32
CA ILE A 245 4.73 13.06 7.84
C ILE A 245 5.09 13.81 6.56
N GLY A 246 4.11 14.05 5.69
CA GLY A 246 4.38 14.83 4.49
C GLY A 246 4.81 16.24 4.78
N LEU A 247 4.44 16.77 5.94
CA LEU A 247 4.94 18.08 6.36
C LEU A 247 6.30 17.95 7.03
N LEU A 248 6.47 16.93 7.87
CA LEU A 248 7.75 16.72 8.54
C LEU A 248 8.89 16.58 7.54
N THR A 249 8.67 15.80 6.47
CA THR A 249 9.73 15.62 5.49
C THR A 249 10.13 16.95 4.86
N ASN A 250 9.15 17.75 4.47
CA ASN A 250 9.45 19.05 3.88
C ASN A 250 10.12 19.99 4.87
N ARG A 251 9.95 19.75 6.17
CA ARG A 251 10.55 20.67 7.14
C ARG A 251 11.92 20.24 7.64
N ILE A 252 12.27 18.94 7.62
CA ILE A 252 13.57 18.49 8.10
C ILE A 252 14.27 17.54 7.14
N GLY A 253 13.63 17.13 6.05
CA GLY A 253 14.24 16.21 5.12
C GLY A 253 13.55 14.86 5.14
N TYR A 254 13.92 14.04 4.16
CA TYR A 254 13.39 12.68 4.02
C TYR A 254 14.09 11.62 4.88
N PRO A 255 15.43 11.61 4.95
CA PRO A 255 16.09 10.49 5.63
C PRO A 255 15.70 10.33 7.09
N ILE A 256 15.41 11.42 7.80
CA ILE A 256 15.07 11.31 9.21
C ILE A 256 13.70 10.67 9.35
N PRO A 257 12.70 11.04 8.53
CA PRO A 257 11.46 10.26 8.51
C PRO A 257 11.66 8.79 8.18
N ILE A 258 12.50 8.46 7.19
CA ILE A 258 12.68 7.05 6.85
C ILE A 258 13.29 6.30 8.02
N PHE A 259 14.26 6.92 8.70
CA PHE A 259 14.90 6.27 9.84
C PHE A 259 13.94 6.15 11.02
N ALA A 260 13.06 7.14 11.21
CA ALA A 260 12.04 7.00 12.23
C ALA A 260 11.11 5.84 11.91
N GLY A 261 10.77 5.67 10.63
CA GLY A 261 9.96 4.53 10.23
C GLY A 261 10.65 3.21 10.55
N PHE A 262 11.95 3.13 10.29
CA PHE A 262 12.69 1.90 10.53
C PHE A 262 13.15 1.74 11.97
N CYS A 263 12.86 2.73 12.82
CA CYS A 263 13.08 2.55 14.25
C CYS A 263 11.76 2.26 14.93
N ILE A 264 10.66 2.56 14.23
CA ILE A 264 9.35 2.25 14.77
C ILE A 264 9.00 0.81 14.42
N MET A 265 9.19 0.45 13.16
CA MET A 265 8.81 -0.90 12.75
C MET A 265 9.54 -1.96 13.56
N PHE A 266 10.81 -1.69 13.90
CA PHE A 266 11.56 -2.61 14.74
C PHE A 266 10.94 -2.72 16.13
N VAL A 267 10.30 -1.66 16.60
CA VAL A 267 9.65 -1.71 17.92
C VAL A 267 8.31 -2.42 17.82
N SER A 268 7.55 -2.13 16.77
CA SER A 268 6.26 -2.79 16.61
C SER A 268 6.41 -4.29 16.39
N THR A 269 7.48 -4.71 15.71
CA THR A 269 7.71 -6.14 15.52
C THR A 269 7.95 -6.84 16.85
N ILE A 270 8.77 -6.24 17.71
CA ILE A 270 9.02 -6.83 19.02
C ILE A 270 7.75 -6.82 19.86
N MET A 271 6.98 -5.73 19.80
CA MET A 271 5.72 -5.70 20.54
C MET A 271 4.79 -6.81 20.10
N PHE A 272 4.69 -7.04 18.78
CA PHE A 272 3.98 -8.22 18.27
C PHE A 272 4.52 -9.49 18.91
N ALA A 273 5.84 -9.69 18.82
CA ALA A 273 6.46 -10.89 19.38
C ALA A 273 6.18 -11.06 20.86
N PHE A 274 5.79 -9.99 21.55
CA PHE A 274 5.43 -10.07 22.96
C PHE A 274 4.00 -9.62 23.17
N SER A 275 3.09 -10.09 22.32
CA SER A 275 1.67 -9.74 22.40
C SER A 275 0.85 -10.97 22.76
N SER A 276 0.05 -10.85 23.82
CA SER A 276 -0.80 -11.96 24.26
C SER A 276 -2.28 -11.63 24.10
N SER A 277 -2.74 -10.53 24.68
CA SER A 277 -4.15 -10.17 24.69
C SER A 277 -4.52 -9.51 23.36
N TYR A 278 -5.71 -8.91 23.31
CA TYR A 278 -6.18 -8.20 22.14
C TYR A 278 -5.75 -6.74 22.12
N ALA A 279 -5.74 -6.10 23.30
CA ALA A 279 -5.34 -4.70 23.38
C ALA A 279 -3.90 -4.51 22.94
N PHE A 280 -3.00 -5.39 23.38
CA PHE A 280 -1.61 -5.28 22.95
C PHE A 280 -1.48 -5.51 21.45
N LEU A 281 -2.27 -6.43 20.90
CA LEU A 281 -2.25 -6.64 19.46
C LEU A 281 -2.64 -5.37 18.72
N LEU A 282 -3.72 -4.72 19.16
CA LEU A 282 -4.15 -3.48 18.51
C LEU A 282 -3.11 -2.38 18.66
N ILE A 283 -2.50 -2.28 19.84
CA ILE A 283 -1.48 -1.26 20.06
C ILE A 283 -0.31 -1.47 19.11
N ALA A 284 0.16 -2.72 19.02
CA ALA A 284 1.28 -3.00 18.13
C ALA A 284 0.90 -2.75 16.68
N ARG A 285 -0.34 -3.05 16.31
CA ARG A 285 -0.78 -2.79 14.95
C ARG A 285 -0.77 -1.30 14.64
N SER A 286 -1.20 -0.48 15.59
CA SER A 286 -1.21 0.97 15.35
C SER A 286 0.22 1.52 15.27
N LEU A 287 1.13 0.98 16.07
CA LEU A 287 2.49 1.42 15.92
C LEU A 287 2.91 1.06 14.51
N GLN A 288 2.77 -0.22 14.16
CA GLN A 288 3.17 -0.67 12.83
C GLN A 288 2.59 0.25 11.78
N GLY A 289 1.39 0.76 12.01
CA GLY A 289 0.76 1.68 11.09
C GLY A 289 1.49 3.00 10.98
N ILE A 290 1.92 3.56 12.10
CA ILE A 290 2.69 4.79 12.06
C ILE A 290 4.01 4.55 11.34
N GLY A 291 4.66 3.44 11.66
CA GLY A 291 5.91 3.13 10.97
C GLY A 291 5.71 2.96 9.47
N SER A 292 4.64 2.27 9.08
CA SER A 292 4.32 2.12 7.66
C SER A 292 4.14 3.47 7.00
N SER A 293 3.14 4.23 7.45
CA SER A 293 2.92 5.59 6.95
C SER A 293 4.24 6.33 6.73
N CYS A 294 5.07 6.38 7.78
CA CYS A 294 6.37 7.03 7.66
C CYS A 294 7.17 6.47 6.49
N SER A 295 7.42 5.17 6.52
CA SER A 295 8.30 4.55 5.52
C SER A 295 7.77 4.76 4.11
N SER A 296 6.50 4.42 3.87
CA SER A 296 5.92 4.55 2.55
C SER A 296 5.99 5.98 2.04
N VAL A 297 5.50 6.94 2.83
CA VAL A 297 5.44 8.32 2.34
C VAL A 297 6.84 8.85 2.07
N ALA A 298 7.72 8.78 3.07
CA ALA A 298 9.06 9.34 2.89
C ALA A 298 9.83 8.62 1.81
N GLY A 299 9.58 7.31 1.62
CA GLY A 299 10.32 6.57 0.61
C GLY A 299 9.87 6.92 -0.80
N MET A 300 8.56 6.96 -1.03
CA MET A 300 8.08 7.39 -2.33
C MET A 300 8.52 8.82 -2.62
N GLY A 301 8.56 9.66 -1.59
CA GLY A 301 9.04 11.02 -1.78
C GLY A 301 10.50 11.07 -2.19
N MET A 302 11.35 10.30 -1.51
CA MET A 302 12.76 10.27 -1.88
C MET A 302 12.95 9.71 -3.27
N LEU A 303 12.17 8.70 -3.64
CA LEU A 303 12.28 8.14 -4.98
C LEU A 303 11.95 9.19 -6.03
N ALA A 304 10.84 9.91 -5.83
CA ALA A 304 10.48 10.95 -6.78
C ALA A 304 11.46 12.11 -6.75
N SER A 305 12.18 12.29 -5.64
CA SER A 305 13.11 13.41 -5.54
C SER A 305 14.45 13.11 -6.18
N VAL A 306 14.85 11.84 -6.21
CA VAL A 306 16.14 11.49 -6.80
C VAL A 306 16.01 11.28 -8.29
N TYR A 307 15.09 10.41 -8.71
CA TYR A 307 14.87 10.15 -10.13
C TYR A 307 14.08 11.32 -10.71
N THR A 308 14.79 12.34 -11.18
CA THR A 308 14.09 13.53 -11.65
C THR A 308 13.32 13.37 -12.93
N ASP A 309 13.81 12.55 -13.84
CA ASP A 309 13.16 12.44 -15.13
C ASP A 309 11.94 11.53 -15.06
N ASP A 310 11.17 11.47 -16.14
CA ASP A 310 9.92 10.71 -16.10
C ASP A 310 10.10 9.21 -16.23
N GLU A 311 10.31 8.74 -17.46
CA GLU A 311 10.45 7.30 -17.68
C GLU A 311 11.10 6.60 -16.50
N GLU A 312 12.32 7.02 -16.16
CA GLU A 312 13.04 6.37 -15.09
C GLU A 312 12.22 6.38 -13.80
N ARG A 313 11.46 7.45 -13.57
CA ARG A 313 10.61 7.50 -12.38
C ARG A 313 9.47 6.50 -12.47
N GLY A 314 8.90 6.32 -13.66
CA GLY A 314 7.92 5.27 -13.84
C GLY A 314 8.48 3.90 -13.51
N ASN A 315 9.64 3.59 -14.09
CA ASN A 315 10.30 2.32 -13.79
C ASN A 315 10.53 2.16 -12.29
N VAL A 316 10.95 3.24 -11.63
CA VAL A 316 11.32 3.16 -10.22
C VAL A 316 10.10 2.94 -9.34
N MET A 317 9.02 3.68 -9.61
CA MET A 317 7.78 3.45 -8.87
C MET A 317 7.28 2.03 -9.10
N GLY A 318 7.41 1.52 -10.32
CA GLY A 318 7.04 0.15 -10.58
C GLY A 318 7.84 -0.83 -9.74
N ILE A 319 9.15 -0.59 -9.62
CA ILE A 319 10.00 -1.48 -8.84
C ILE A 319 9.62 -1.42 -7.36
N ALA A 320 9.30 -0.23 -6.87
CA ALA A 320 8.93 -0.08 -5.46
C ALA A 320 7.63 -0.81 -5.16
N LEU A 321 6.62 -0.60 -6.00
CA LEU A 321 5.37 -1.32 -5.82
C LEU A 321 5.55 -2.82 -6.01
N GLY A 322 6.51 -3.23 -6.83
CA GLY A 322 6.82 -4.64 -6.94
C GLY A 322 7.42 -5.20 -5.65
N GLY A 323 8.23 -4.39 -4.97
CA GLY A 323 8.70 -4.78 -3.65
C GLY A 323 7.56 -4.95 -2.67
N LEU A 324 6.62 -3.99 -2.67
CA LEU A 324 5.42 -4.12 -1.84
C LEU A 324 4.68 -5.42 -2.15
N ALA A 325 4.55 -5.74 -3.43
CA ALA A 325 3.86 -6.96 -3.83
C ALA A 325 4.62 -8.19 -3.34
N MET A 326 5.94 -8.18 -3.47
CA MET A 326 6.74 -9.29 -2.99
C MET A 326 6.56 -9.49 -1.50
N GLY A 327 6.43 -8.38 -0.77
CA GLY A 327 6.16 -8.50 0.67
C GLY A 327 4.81 -9.14 0.94
N VAL A 328 3.77 -8.69 0.24
CA VAL A 328 2.44 -9.28 0.42
C VAL A 328 2.46 -10.75 0.04
N LEU A 329 3.29 -11.13 -0.93
CA LEU A 329 3.36 -12.53 -1.33
C LEU A 329 4.08 -13.37 -0.28
N VAL A 330 5.20 -12.87 0.23
CA VAL A 330 6.06 -13.65 1.12
C VAL A 330 5.60 -13.60 2.56
N GLY A 331 4.58 -12.80 2.87
CA GLY A 331 4.05 -12.76 4.21
C GLY A 331 3.33 -14.04 4.65
N PRO A 332 2.21 -14.36 4.03
CA PRO A 332 1.36 -15.46 4.50
C PRO A 332 2.10 -16.78 4.58
N PRO A 333 2.80 -17.22 3.52
CA PRO A 333 3.41 -18.56 3.62
C PRO A 333 4.52 -18.63 4.64
N PHE A 334 5.40 -17.63 4.68
CA PHE A 334 6.45 -17.59 5.69
C PHE A 334 5.85 -17.66 7.09
N GLY A 335 4.87 -16.80 7.37
CA GLY A 335 4.24 -16.82 8.67
C GLY A 335 3.63 -18.17 9.00
N SER A 336 2.88 -18.73 8.05
CA SER A 336 2.22 -20.02 8.28
C SER A 336 3.24 -21.10 8.60
N VAL A 337 4.26 -21.23 7.76
CA VAL A 337 5.22 -22.31 7.92
C VAL A 337 5.95 -22.18 9.25
N LEU A 338 6.44 -20.99 9.58
CA LEU A 338 7.14 -20.89 10.83
C LEU A 338 6.20 -21.15 11.98
N TYR A 339 5.06 -20.45 12.03
CA TYR A 339 4.17 -20.61 13.17
C TYR A 339 3.72 -22.06 13.36
N GLU A 340 3.66 -22.82 12.27
CA GLU A 340 3.25 -24.22 12.35
C GLU A 340 4.40 -25.18 12.55
N PHE A 341 5.65 -24.71 12.44
CA PHE A 341 6.79 -25.61 12.55
C PHE A 341 7.45 -25.58 13.92
N VAL A 342 7.90 -24.42 14.39
CA VAL A 342 8.69 -24.32 15.61
C VAL A 342 7.97 -23.57 16.71
N GLY A 343 7.21 -22.54 16.37
CA GLY A 343 6.54 -21.74 17.38
C GLY A 343 5.98 -20.48 16.79
N LYS A 344 5.26 -19.72 17.64
CA LYS A 344 4.61 -18.50 17.18
C LYS A 344 5.48 -17.27 17.37
N THR A 345 6.53 -17.35 18.19
CA THR A 345 7.39 -16.20 18.37
C THR A 345 8.42 -16.09 17.26
N ALA A 346 8.82 -17.23 16.70
CA ALA A 346 9.86 -17.27 15.69
C ALA A 346 9.60 -16.40 14.46
N PRO A 347 8.40 -16.36 13.86
CA PRO A 347 8.23 -15.48 12.70
C PRO A 347 8.45 -14.03 13.04
N PHE A 348 7.91 -13.57 14.17
CA PHE A 348 8.09 -12.19 14.56
C PHE A 348 9.55 -11.89 14.87
N LEU A 349 10.27 -12.82 15.49
CA LEU A 349 11.65 -12.54 15.85
C LEU A 349 12.56 -12.54 14.63
N VAL A 350 12.30 -13.46 13.68
CA VAL A 350 13.09 -13.46 12.45
C VAL A 350 12.80 -12.22 11.63
N LEU A 351 11.55 -11.77 11.64
CA LEU A 351 11.21 -10.50 10.99
C LEU A 351 11.89 -9.33 11.68
N ALA A 352 12.01 -9.40 13.01
CA ALA A 352 12.75 -8.37 13.74
C ALA A 352 14.21 -8.34 13.31
N ALA A 353 14.82 -9.51 13.14
CA ALA A 353 16.21 -9.57 12.71
C ALA A 353 16.38 -9.00 11.30
N LEU A 354 15.49 -9.41 10.39
CA LEU A 354 15.53 -8.86 9.04
C LEU A 354 15.35 -7.34 9.06
N VAL A 355 14.44 -6.87 9.91
CA VAL A 355 14.22 -5.44 10.00
C VAL A 355 15.49 -4.76 10.44
N LEU A 356 16.09 -5.27 11.51
CA LEU A 356 17.29 -4.64 12.04
C LEU A 356 18.38 -4.58 10.98
N LEU A 357 18.53 -5.66 10.20
CA LEU A 357 19.49 -5.63 9.10
C LEU A 357 19.13 -4.55 8.10
N ASP A 358 17.83 -4.41 7.79
CA ASP A 358 17.39 -3.38 6.86
C ASP A 358 17.67 -1.99 7.40
N GLY A 359 17.42 -1.78 8.69
CA GLY A 359 17.71 -0.52 9.33
C GLY A 359 19.18 -0.17 9.29
N ALA A 360 20.03 -1.17 9.47
CA ALA A 360 21.48 -0.91 9.41
C ALA A 360 21.90 -0.57 7.98
N ILE A 361 21.38 -1.27 7.00
CA ILE A 361 21.69 -0.94 5.62
C ILE A 361 21.31 0.49 5.41
N GLN A 362 20.08 0.82 5.75
CA GLN A 362 19.60 2.16 5.50
C GLN A 362 20.44 3.21 6.21
N LEU A 363 20.87 2.92 7.44
CA LEU A 363 21.73 3.86 8.16
C LEU A 363 23.08 4.01 7.47
N PHE A 364 23.52 2.97 6.76
CA PHE A 364 24.76 3.09 6.00
C PHE A 364 24.56 3.91 4.74
N VAL A 365 23.44 3.71 4.05
CA VAL A 365 23.26 4.35 2.75
C VAL A 365 22.82 5.79 2.90
N LEU A 366 21.77 6.04 3.69
CA LEU A 366 21.20 7.38 3.78
C LEU A 366 21.95 8.29 4.74
N GLN A 367 22.40 7.75 5.88
CA GLN A 367 23.09 8.53 6.90
C GLN A 367 22.26 9.74 7.32
N PRO A 368 21.18 9.54 8.06
CA PRO A 368 20.33 10.68 8.45
C PRO A 368 20.83 11.41 9.69
N SER A 369 22.10 11.20 10.04
CA SER A 369 22.63 11.75 11.29
C SER A 369 22.72 13.27 11.28
N ARG A 370 22.28 13.94 10.22
CA ARG A 370 22.23 15.40 10.18
C ARG A 370 20.98 15.84 9.43
N VAL A 371 20.35 16.90 9.91
CA VAL A 371 19.13 17.35 9.27
C VAL A 371 19.45 17.94 7.92
N GLN A 372 18.45 18.02 7.05
CA GLN A 372 18.61 18.61 5.73
C GLN A 372 17.27 19.07 5.18
N PRO A 373 16.89 20.33 5.39
CA PRO A 373 15.61 20.81 4.86
C PRO A 373 15.67 21.00 3.36
N GLU A 374 14.53 20.77 2.71
CA GLU A 374 14.44 21.00 1.28
C GLU A 374 14.62 22.49 0.97
N SER A 375 15.03 22.77 -0.26
CA SER A 375 15.31 24.15 -0.65
C SER A 375 14.04 24.98 -0.70
N GLN A 376 13.10 24.60 -1.55
CA GLN A 376 11.90 25.39 -1.77
C GLN A 376 10.86 25.14 -0.68
N LYS A 377 10.06 26.16 -0.40
CA LYS A 377 8.95 26.01 0.51
C LYS A 377 7.86 25.18 -0.15
N GLY A 378 7.45 24.10 0.52
CA GLY A 378 6.53 23.17 -0.11
C GLY A 378 5.16 23.76 -0.36
N THR A 379 4.47 23.20 -1.35
CA THR A 379 3.15 23.67 -1.69
C THR A 379 2.19 23.43 -0.53
N PRO A 380 1.35 24.39 -0.19
CA PRO A 380 0.37 24.17 0.88
C PRO A 380 -0.57 23.03 0.52
N LEU A 381 -0.76 22.12 1.49
CA LEU A 381 -1.58 20.94 1.24
C LEU A 381 -2.98 21.30 0.78
N THR A 382 -3.53 22.43 1.26
CA THR A 382 -4.85 22.87 0.83
C THR A 382 -4.90 23.07 -0.69
N THR A 383 -3.86 23.68 -1.25
CA THR A 383 -3.81 23.85 -2.70
C THR A 383 -3.75 22.51 -3.41
N LEU A 384 -2.80 21.66 -3.03
CA LEU A 384 -2.68 20.35 -3.66
C LEU A 384 -4.00 19.59 -3.63
N LEU A 385 -4.78 19.76 -2.56
CA LEU A 385 -6.04 19.05 -2.48
C LEU A 385 -7.13 19.74 -3.29
N LYS A 386 -7.06 21.06 -3.45
CA LYS A 386 -8.04 21.75 -4.27
C LYS A 386 -7.90 21.43 -5.75
N ASP A 387 -6.76 20.86 -6.17
CA ASP A 387 -6.54 20.59 -7.58
C ASP A 387 -7.48 19.49 -8.07
N PRO A 388 -7.89 19.56 -9.33
CA PRO A 388 -8.70 18.47 -9.91
C PRO A 388 -7.90 17.22 -10.21
N TYR A 389 -6.70 17.37 -10.77
CA TYR A 389 -6.01 16.21 -11.36
C TYR A 389 -5.47 15.27 -10.30
N ILE A 390 -4.82 15.81 -9.26
CA ILE A 390 -4.36 14.97 -8.17
C ILE A 390 -5.55 14.30 -7.49
N LEU A 391 -6.67 15.02 -7.38
CA LEU A 391 -7.90 14.43 -6.89
C LEU A 391 -8.30 13.22 -7.73
N ILE A 392 -8.27 13.36 -9.06
CA ILE A 392 -8.70 12.26 -9.92
C ILE A 392 -7.78 11.06 -9.75
N ALA A 393 -6.47 11.29 -9.73
CA ALA A 393 -5.54 10.18 -9.60
C ALA A 393 -5.70 9.49 -8.25
N ALA A 394 -5.81 10.27 -7.17
CA ALA A 394 -5.96 9.68 -5.85
C ALA A 394 -7.27 8.91 -5.73
N GLY A 395 -8.35 9.45 -6.29
CA GLY A 395 -9.60 8.73 -6.28
C GLY A 395 -9.54 7.45 -7.08
N SER A 396 -8.80 7.46 -8.19
CA SER A 396 -8.65 6.24 -8.98
C SER A 396 -7.92 5.17 -8.18
N ILE A 397 -6.83 5.55 -7.51
CA ILE A 397 -6.12 4.61 -6.65
C ILE A 397 -7.05 4.06 -5.56
N CYS A 398 -7.77 4.97 -4.89
CA CYS A 398 -8.63 4.57 -3.78
C CYS A 398 -9.71 3.59 -4.23
N PHE A 399 -10.39 3.90 -5.33
CA PHE A 399 -11.48 3.05 -5.77
C PHE A 399 -11.00 1.80 -6.50
N ALA A 400 -9.74 1.77 -6.95
CA ALA A 400 -9.19 0.52 -7.45
C ALA A 400 -8.72 -0.38 -6.32
N ASN A 401 -8.45 0.20 -5.16
CA ASN A 401 -8.07 -0.61 -4.01
C ASN A 401 -9.26 -1.05 -3.14
N MET A 402 -10.35 -0.30 -3.18
CA MET A 402 -11.46 -0.55 -2.26
C MET A 402 -12.05 -1.95 -2.43
N GLY A 403 -12.07 -2.46 -3.66
CA GLY A 403 -12.61 -3.78 -3.91
C GLY A 403 -11.90 -4.87 -3.14
N ILE A 404 -10.61 -5.03 -3.41
CA ILE A 404 -9.80 -6.01 -2.68
C ILE A 404 -9.63 -5.62 -1.21
N ALA A 405 -9.94 -4.38 -0.85
CA ALA A 405 -9.89 -4.00 0.56
C ALA A 405 -11.12 -4.47 1.32
N MET A 406 -12.27 -4.51 0.67
CA MET A 406 -13.49 -5.01 1.30
C MET A 406 -13.65 -6.51 1.15
N LEU A 407 -13.01 -7.13 0.15
CA LEU A 407 -13.17 -8.57 -0.02
C LEU A 407 -12.41 -9.35 1.04
N GLU A 408 -11.21 -8.90 1.39
CA GLU A 408 -10.31 -9.74 2.19
C GLU A 408 -10.79 -9.93 3.63
N PRO A 409 -11.10 -8.87 4.41
CA PRO A 409 -11.47 -9.10 5.82
C PRO A 409 -12.77 -9.86 5.99
N ALA A 410 -13.40 -10.25 4.89
CA ALA A 410 -14.59 -11.11 4.92
C ALA A 410 -14.33 -12.26 3.94
N LEU A 411 -13.69 -13.31 4.44
CA LEU A 411 -13.32 -14.48 3.67
C LEU A 411 -13.77 -15.72 4.41
N PRO A 412 -13.88 -16.86 3.73
CA PRO A 412 -14.22 -18.10 4.44
C PRO A 412 -13.20 -18.48 5.50
N ILE A 413 -11.94 -18.04 5.35
CA ILE A 413 -10.94 -18.31 6.37
C ILE A 413 -11.24 -17.48 7.62
N TRP A 414 -10.59 -17.86 8.72
CA TRP A 414 -10.83 -17.30 10.05
C TRP A 414 -12.30 -17.04 10.33
N TRP A 424 -4.77 -25.83 4.52
CA TRP A 424 -3.70 -24.92 4.13
C TRP A 424 -4.28 -23.65 3.53
N GLN A 425 -5.60 -23.50 3.65
CA GLN A 425 -6.30 -22.40 3.00
C GLN A 425 -5.94 -21.03 3.58
N LEU A 426 -5.06 -20.96 4.57
CA LEU A 426 -4.72 -19.66 5.15
C LEU A 426 -3.43 -19.12 4.54
N GLY A 427 -2.42 -19.97 4.37
CA GLY A 427 -1.16 -19.50 3.81
C GLY A 427 -1.27 -19.20 2.33
N VAL A 428 -2.13 -19.92 1.62
CA VAL A 428 -2.24 -19.81 0.17
C VAL A 428 -3.49 -18.98 -0.11
N ALA A 429 -3.91 -18.19 0.88
CA ALA A 429 -5.12 -17.40 0.72
C ALA A 429 -4.88 -16.21 -0.20
N PHE A 430 -3.84 -15.42 0.07
CA PHE A 430 -3.58 -14.19 -0.65
C PHE A 430 -2.54 -14.35 -1.76
N LEU A 431 -2.32 -15.59 -2.22
CA LEU A 431 -1.37 -15.81 -3.30
C LEU A 431 -1.89 -15.31 -4.65
N PRO A 432 -3.11 -15.67 -5.07
CA PRO A 432 -3.55 -15.24 -6.41
C PRO A 432 -3.62 -13.74 -6.59
N ALA A 433 -3.76 -12.98 -5.51
CA ALA A 433 -3.80 -11.53 -5.62
C ALA A 433 -2.40 -10.96 -5.80
N SER A 434 -1.46 -11.38 -4.96
CA SER A 434 -0.12 -10.78 -4.98
C SER A 434 0.70 -11.29 -6.17
N ILE A 435 0.54 -12.56 -6.53
CA ILE A 435 1.27 -13.10 -7.67
C ILE A 435 0.83 -12.44 -8.96
N SER A 436 -0.28 -11.71 -8.93
CA SER A 436 -0.72 -10.90 -10.06
C SER A 436 -0.35 -9.44 -9.90
N TYR A 437 -0.43 -8.92 -8.67
CA TYR A 437 0.00 -7.56 -8.39
C TYR A 437 1.45 -7.34 -8.81
N LEU A 438 2.33 -8.27 -8.44
CA LEU A 438 3.74 -8.15 -8.79
C LEU A 438 3.94 -8.23 -10.30
N ILE A 439 3.39 -9.27 -10.91
CA ILE A 439 3.56 -9.45 -12.35
C ILE A 439 3.02 -8.27 -13.14
N GLY A 440 1.99 -7.62 -12.62
CA GLY A 440 1.44 -6.47 -13.30
C GLY A 440 2.24 -5.21 -13.10
N THR A 441 2.63 -4.92 -11.86
CA THR A 441 3.32 -3.66 -11.59
C THR A 441 4.73 -3.67 -12.17
N ASN A 442 5.45 -4.79 -12.04
CA ASN A 442 6.81 -4.84 -12.54
C ASN A 442 6.88 -5.11 -14.02
N ILE A 443 5.77 -4.86 -14.71
CA ILE A 443 5.73 -5.01 -16.16
C ILE A 443 5.15 -3.71 -16.72
N PHE A 444 4.17 -3.12 -16.03
CA PHE A 444 3.59 -1.87 -16.49
C PHE A 444 4.44 -0.67 -16.07
N GLY A 445 5.21 -0.80 -15.00
CA GLY A 445 6.11 0.29 -14.62
C GLY A 445 7.10 0.62 -15.71
N ILE A 446 7.46 -0.38 -16.52
CA ILE A 446 8.44 -0.19 -17.59
C ILE A 446 7.72 -0.02 -18.92
N LEU A 447 6.50 -0.56 -19.03
CA LEU A 447 5.81 -0.46 -20.31
C LEU A 447 4.55 0.40 -20.24
N ALA A 448 4.51 1.41 -19.38
CA ALA A 448 3.35 2.29 -19.28
C ALA A 448 3.53 3.59 -20.05
N HIS A 449 4.64 4.29 -19.81
CA HIS A 449 4.84 5.57 -20.49
C HIS A 449 4.83 5.42 -22.00
N LYS A 450 5.22 4.25 -22.51
CA LYS A 450 5.22 4.04 -23.95
C LYS A 450 3.81 4.07 -24.51
N MET A 451 2.83 3.63 -23.72
CA MET A 451 1.44 3.64 -24.17
C MET A 451 0.70 4.91 -23.78
N GLY A 452 1.16 5.59 -22.74
CA GLY A 452 0.45 6.75 -22.24
C GLY A 452 -0.30 6.26 -21.03
N ARG A 453 0.05 6.79 -19.85
CA ARG A 453 -0.57 6.30 -18.62
C ARG A 453 -2.08 6.41 -18.66
N TRP A 454 -2.61 7.51 -19.18
CA TRP A 454 -4.06 7.70 -19.21
C TRP A 454 -4.76 6.45 -19.75
N LEU A 455 -4.18 5.82 -20.76
CA LEU A 455 -4.77 4.61 -21.32
C LEU A 455 -4.58 3.42 -20.38
N CYS A 456 -3.38 3.29 -19.81
CA CYS A 456 -3.12 2.19 -18.90
C CYS A 456 -3.96 2.33 -17.63
N ALA A 457 -4.16 3.55 -17.15
CA ALA A 457 -5.01 3.75 -15.98
C ALA A 457 -6.45 3.35 -16.29
N LEU A 458 -6.97 3.78 -17.44
CA LEU A 458 -8.34 3.44 -17.81
C LEU A 458 -8.51 1.94 -17.93
N LEU A 459 -7.57 1.27 -18.59
CA LEU A 459 -7.64 -0.18 -18.71
C LEU A 459 -7.55 -0.86 -17.35
N GLY A 460 -6.70 -0.34 -16.46
CA GLY A 460 -6.58 -0.95 -15.14
C GLY A 460 -7.85 -0.82 -14.33
N MET A 461 -8.56 0.30 -14.49
CA MET A 461 -9.84 0.44 -13.79
C MET A 461 -10.91 -0.45 -14.41
N ILE A 462 -10.95 -0.54 -15.72
CA ILE A 462 -11.91 -1.42 -16.35
C ILE A 462 -11.70 -2.85 -15.89
N ILE A 463 -10.46 -3.30 -15.86
CA ILE A 463 -10.21 -4.69 -15.51
C ILE A 463 -10.56 -4.95 -14.06
N VAL A 464 -10.29 -3.99 -13.18
CA VAL A 464 -10.71 -4.14 -11.80
C VAL A 464 -12.20 -4.34 -11.78
N GLY A 465 -12.92 -3.49 -12.51
CA GLY A 465 -14.38 -3.58 -12.48
C GLY A 465 -14.90 -4.91 -12.98
N VAL A 466 -14.41 -5.36 -14.14
CA VAL A 466 -14.91 -6.59 -14.72
C VAL A 466 -14.52 -7.80 -13.89
N SER A 467 -13.43 -7.71 -13.14
CA SER A 467 -13.05 -8.82 -12.27
C SER A 467 -13.91 -8.86 -11.00
N ILE A 468 -14.03 -7.72 -10.32
CA ILE A 468 -14.82 -7.69 -9.10
C ILE A 468 -16.27 -8.04 -9.40
N LEU A 469 -16.81 -7.54 -10.51
CA LEU A 469 -18.20 -7.83 -10.86
C LEU A 469 -18.43 -9.32 -11.00
N CYS A 470 -17.41 -10.06 -11.45
CA CYS A 470 -17.53 -11.51 -11.62
C CYS A 470 -17.13 -12.29 -10.39
N ILE A 471 -16.62 -11.63 -9.36
CA ILE A 471 -16.27 -12.32 -8.13
C ILE A 471 -17.35 -13.24 -7.60
N PRO A 472 -18.59 -12.76 -7.51
CA PRO A 472 -19.62 -13.61 -6.88
C PRO A 472 -19.82 -14.96 -7.56
N PHE A 473 -19.60 -15.06 -8.88
CA PHE A 473 -19.79 -16.31 -9.59
C PHE A 473 -18.61 -17.22 -9.29
N ALA A 474 -18.63 -17.84 -8.11
CA ALA A 474 -17.47 -18.58 -7.66
C ALA A 474 -17.80 -19.48 -6.48
N LYS A 475 -16.83 -20.32 -6.15
CA LYS A 475 -16.75 -21.06 -4.89
C LYS A 475 -15.36 -20.83 -4.31
N ASN A 476 -15.09 -21.44 -3.15
CA ASN A 476 -13.88 -21.09 -2.41
C ASN A 476 -12.62 -21.53 -3.16
N ILE A 477 -12.46 -22.83 -3.37
CA ILE A 477 -11.23 -23.31 -4.01
C ILE A 477 -11.19 -23.02 -5.49
N TYR A 478 -12.21 -23.45 -6.23
CA TYR A 478 -12.18 -23.31 -7.67
C TYR A 478 -12.42 -21.86 -8.10
N GLY A 479 -13.44 -21.22 -7.53
CA GLY A 479 -13.90 -19.96 -8.07
C GLY A 479 -13.03 -18.78 -7.69
N LEU A 480 -12.92 -18.52 -6.39
CA LEU A 480 -12.41 -17.24 -5.91
C LEU A 480 -10.96 -16.96 -6.30
N ILE A 481 -10.30 -17.86 -7.02
CA ILE A 481 -8.89 -17.67 -7.34
C ILE A 481 -8.73 -16.72 -8.53
N ALA A 482 -9.28 -17.10 -9.68
CA ALA A 482 -9.03 -16.36 -10.92
C ALA A 482 -9.52 -14.92 -10.85
N PRO A 483 -10.72 -14.65 -10.33
CA PRO A 483 -11.10 -13.24 -10.14
C PRO A 483 -10.13 -12.48 -9.25
N ASN A 484 -9.62 -13.10 -8.20
CA ASN A 484 -8.60 -12.44 -7.39
C ASN A 484 -7.37 -12.12 -8.20
N PHE A 485 -6.99 -13.03 -9.11
CA PHE A 485 -5.85 -12.77 -9.99
C PHE A 485 -6.11 -11.56 -10.87
N GLY A 486 -7.29 -11.51 -11.48
CA GLY A 486 -7.63 -10.34 -12.28
C GLY A 486 -7.62 -9.05 -11.49
N VAL A 487 -8.21 -9.08 -10.30
CA VAL A 487 -8.24 -7.90 -9.45
C VAL A 487 -6.83 -7.43 -9.13
N GLY A 488 -5.95 -8.38 -8.77
CA GLY A 488 -4.59 -8.01 -8.43
C GLY A 488 -3.83 -7.42 -9.61
N PHE A 489 -3.93 -8.08 -10.77
CA PHE A 489 -3.27 -7.56 -11.97
C PHE A 489 -3.74 -6.15 -12.28
N ALA A 490 -5.05 -5.91 -12.19
CA ALA A 490 -5.58 -4.61 -12.55
C ALA A 490 -5.20 -3.55 -11.54
N ILE A 491 -5.26 -3.86 -10.24
CA ILE A 491 -4.88 -2.85 -9.25
C ILE A 491 -3.39 -2.56 -9.33
N GLY A 492 -2.59 -3.55 -9.73
CA GLY A 492 -1.18 -3.29 -9.95
C GLY A 492 -0.96 -2.35 -11.12
N MET A 493 -1.68 -2.57 -12.21
CA MET A 493 -1.64 -1.65 -13.34
C MET A 493 -1.97 -0.24 -12.87
N VAL A 494 -3.05 -0.11 -12.11
CA VAL A 494 -3.51 1.21 -11.68
C VAL A 494 -2.48 1.87 -10.77
N ASP A 495 -1.91 1.11 -9.84
CA ASP A 495 -0.94 1.70 -8.92
C ASP A 495 0.32 2.14 -9.64
N SER A 496 0.88 1.26 -10.49
CA SER A 496 2.07 1.62 -11.22
C SER A 496 1.83 2.73 -12.22
N SER A 497 0.58 2.94 -12.66
CA SER A 497 0.31 4.04 -13.57
C SER A 497 0.07 5.35 -12.84
N MET A 498 -0.49 5.29 -11.63
CA MET A 498 -0.90 6.51 -10.94
C MET A 498 0.10 7.00 -9.91
N MET A 499 1.03 6.17 -9.47
CA MET A 499 2.02 6.66 -8.51
C MET A 499 2.97 7.69 -9.12
N PRO A 500 3.56 7.47 -10.31
CA PRO A 500 4.41 8.53 -10.87
C PRO A 500 3.64 9.75 -11.33
N ILE A 501 2.39 9.58 -11.71
CA ILE A 501 1.66 10.73 -12.23
C ILE A 501 1.63 11.79 -11.15
N MET A 502 1.47 11.38 -9.89
CA MET A 502 1.38 12.38 -8.83
C MET A 502 2.55 13.36 -8.90
N GLY A 503 3.78 12.83 -8.89
CA GLY A 503 4.95 13.67 -9.04
C GLY A 503 4.97 14.42 -10.36
N TYR A 504 4.48 13.78 -11.43
CA TYR A 504 4.40 14.46 -12.71
C TYR A 504 3.48 15.68 -12.63
N LEU A 505 2.30 15.51 -12.06
CA LEU A 505 1.36 16.62 -11.90
C LEU A 505 1.98 17.72 -11.05
N VAL A 506 2.67 17.35 -9.97
CA VAL A 506 3.26 18.38 -9.12
C VAL A 506 4.34 19.14 -9.87
N ASP A 507 5.17 18.44 -10.65
CA ASP A 507 6.20 19.13 -11.42
C ASP A 507 5.60 20.03 -12.49
N LEU A 508 4.46 19.63 -13.06
CA LEU A 508 3.86 20.40 -14.13
C LEU A 508 2.97 21.54 -13.65
N ARG A 509 2.52 21.50 -12.39
CA ARG A 509 1.54 22.48 -11.94
C ARG A 509 1.83 23.08 -10.57
N HIS A 510 2.89 22.67 -9.87
CA HIS A 510 3.14 23.15 -8.53
C HIS A 510 4.65 23.22 -8.31
N VAL A 511 5.04 23.65 -7.11
CA VAL A 511 6.44 23.73 -6.76
C VAL A 511 7.02 22.33 -6.67
N SER A 512 8.23 22.15 -7.18
CA SER A 512 8.81 20.82 -7.33
C SER A 512 9.24 20.23 -5.99
N VAL A 513 8.27 19.96 -5.13
CA VAL A 513 8.50 19.20 -3.91
C VAL A 513 7.54 18.02 -3.94
N TYR A 514 7.94 16.92 -3.28
CA TYR A 514 7.26 15.66 -3.47
C TYR A 514 6.67 15.05 -2.20
N GLY A 515 6.89 15.66 -1.05
CA GLY A 515 6.38 15.09 0.19
C GLY A 515 4.87 15.02 0.27
N SER A 516 4.23 16.20 0.30
CA SER A 516 2.81 16.26 0.61
C SER A 516 1.97 15.52 -0.43
N VAL A 517 2.35 15.61 -1.71
CA VAL A 517 1.54 15.01 -2.75
C VAL A 517 1.56 13.49 -2.65
N TYR A 518 2.72 12.91 -2.37
CA TYR A 518 2.78 11.46 -2.21
C TYR A 518 2.18 11.02 -0.89
N ALA A 519 2.20 11.88 0.13
CA ALA A 519 1.43 11.60 1.32
C ALA A 519 -0.06 11.53 1.01
N ILE A 520 -0.53 12.42 0.12
CA ILE A 520 -1.92 12.37 -0.30
C ILE A 520 -2.22 11.09 -1.08
N ALA A 521 -1.29 10.71 -1.96
CA ALA A 521 -1.46 9.46 -2.69
C ALA A 521 -1.54 8.27 -1.74
N ASP A 522 -0.71 8.26 -0.69
CA ASP A 522 -0.74 7.17 0.27
C ASP A 522 -2.02 7.19 1.10
N VAL A 523 -2.50 8.38 1.46
CA VAL A 523 -3.78 8.50 2.15
C VAL A 523 -4.89 7.89 1.29
N ALA A 524 -4.90 8.21 0.00
CA ALA A 524 -5.92 7.65 -0.88
C ALA A 524 -5.79 6.14 -0.97
N PHE A 525 -4.56 5.64 -1.07
CA PHE A 525 -4.35 4.20 -1.20
C PHE A 525 -4.80 3.46 0.04
N CYS A 526 -4.54 4.02 1.22
CA CYS A 526 -4.81 3.33 2.47
C CYS A 526 -6.18 3.65 3.07
N MET A 527 -6.93 4.60 2.49
CA MET A 527 -8.26 4.88 3.01
C MET A 527 -9.20 3.69 2.84
N GLY A 528 -8.91 2.81 1.87
CA GLY A 528 -9.75 1.64 1.68
C GLY A 528 -9.80 0.76 2.91
N TYR A 529 -8.64 0.40 3.45
CA TYR A 529 -8.58 -0.52 4.57
C TYR A 529 -9.02 0.10 5.88
N ALA A 530 -9.37 1.37 5.90
CA ALA A 530 -9.91 2.01 7.10
C ALA A 530 -11.42 2.14 7.08
N ILE A 531 -12.01 2.41 5.92
CA ILE A 531 -13.45 2.50 5.79
C ILE A 531 -14.01 1.32 4.99
N GLY A 532 -13.22 0.26 4.81
CA GLY A 532 -13.65 -0.90 4.08
C GLY A 532 -14.21 -2.02 4.95
N PRO A 533 -13.45 -2.45 5.96
CA PRO A 533 -13.95 -3.50 6.85
C PRO A 533 -15.19 -3.09 7.62
N SER A 534 -15.12 -1.97 8.34
CA SER A 534 -16.21 -1.58 9.22
C SER A 534 -17.43 -1.12 8.42
N ALA A 535 -17.27 -0.06 7.63
CA ALA A 535 -18.40 0.48 6.87
C ALA A 535 -18.88 -0.52 5.83
N GLY A 536 -17.95 -1.16 5.11
CA GLY A 536 -18.34 -2.19 4.17
C GLY A 536 -18.99 -3.37 4.86
N GLY A 537 -18.51 -3.70 6.05
CA GLY A 537 -19.15 -4.77 6.81
C GLY A 537 -20.59 -4.44 7.18
N ALA A 538 -20.84 -3.17 7.53
CA ALA A 538 -22.21 -2.76 7.83
C ALA A 538 -23.08 -2.80 6.57
N ILE A 539 -22.56 -2.29 5.46
CA ILE A 539 -23.29 -2.38 4.20
C ILE A 539 -23.63 -3.82 3.88
N ALA A 540 -22.68 -4.74 4.12
CA ALA A 540 -22.94 -6.15 3.88
C ALA A 540 -24.04 -6.68 4.78
N LYS A 541 -23.82 -6.61 6.10
CA LYS A 541 -24.81 -7.10 7.06
C LYS A 541 -26.17 -6.44 6.85
N ALA A 542 -26.24 -5.35 6.09
CA ALA A 542 -27.53 -4.81 5.70
C ALA A 542 -28.04 -5.47 4.43
N ILE A 543 -27.18 -5.65 3.43
CA ILE A 543 -27.60 -6.07 2.10
C ILE A 543 -26.90 -7.33 1.62
N GLY A 544 -25.76 -7.69 2.19
CA GLY A 544 -25.04 -8.87 1.77
C GLY A 544 -23.96 -8.60 0.74
N PHE A 545 -22.95 -9.47 0.74
CA PHE A 545 -21.77 -9.31 -0.11
C PHE A 545 -22.05 -9.58 -1.59
N PRO A 546 -22.86 -10.59 -1.95
CA PRO A 546 -23.21 -10.76 -3.37
C PRO A 546 -23.83 -9.53 -4.01
N TRP A 547 -24.18 -8.51 -3.22
CA TRP A 547 -24.68 -7.24 -3.74
C TRP A 547 -23.62 -6.14 -3.69
N LEU A 548 -22.84 -6.09 -2.61
CA LEU A 548 -21.87 -5.02 -2.43
C LEU A 548 -20.81 -5.03 -3.51
N MET A 549 -20.27 -6.21 -3.82
CA MET A 549 -19.21 -6.29 -4.84
C MET A 549 -19.71 -5.76 -6.18
N THR A 550 -20.97 -5.99 -6.50
CA THR A 550 -21.50 -5.45 -7.73
C THR A 550 -21.48 -3.93 -7.66
N ILE A 551 -21.95 -3.39 -6.55
CA ILE A 551 -21.99 -1.93 -6.41
C ILE A 551 -20.59 -1.35 -6.61
N ILE A 552 -19.60 -2.01 -6.03
CA ILE A 552 -18.23 -1.54 -6.18
C ILE A 552 -17.88 -1.58 -7.65
N GLY A 553 -18.21 -2.69 -8.29
CA GLY A 553 -17.90 -2.81 -9.71
C GLY A 553 -18.52 -1.69 -10.52
N ILE A 554 -19.77 -1.33 -10.19
CA ILE A 554 -20.42 -0.22 -10.86
C ILE A 554 -19.63 1.07 -10.67
N ILE A 555 -19.25 1.35 -9.42
CA ILE A 555 -18.54 2.61 -9.20
C ILE A 555 -17.17 2.58 -9.86
N ASP A 556 -16.55 1.40 -9.95
CA ASP A 556 -15.27 1.30 -10.64
C ASP A 556 -15.43 1.57 -12.14
N ILE A 557 -16.43 0.99 -12.76
CA ILE A 557 -16.63 1.19 -14.18
C ILE A 557 -17.03 2.64 -14.46
N LEU A 558 -17.71 3.27 -13.52
CA LEU A 558 -18.06 4.68 -13.70
C LEU A 558 -16.82 5.58 -13.55
N PHE A 559 -15.97 5.29 -12.56
CA PHE A 559 -14.79 6.09 -12.33
C PHE A 559 -13.68 5.82 -13.34
N ALA A 560 -13.79 4.74 -14.11
CA ALA A 560 -12.75 4.44 -15.10
C ALA A 560 -12.59 5.54 -16.15
N PRO A 561 -13.63 5.93 -16.90
CA PRO A 561 -13.42 6.96 -17.93
C PRO A 561 -13.03 8.31 -17.35
N LEU A 562 -13.24 8.53 -16.05
CA LEU A 562 -12.79 9.77 -15.44
C LEU A 562 -11.28 9.89 -15.40
N CYS A 563 -10.56 8.81 -15.66
CA CYS A 563 -9.11 8.93 -15.72
C CYS A 563 -8.72 9.66 -16.98
N PHE A 564 -9.55 9.59 -18.01
CA PHE A 564 -9.20 10.20 -19.29
C PHE A 564 -8.73 11.64 -19.11
N PHE A 565 -9.26 12.35 -18.11
CA PHE A 565 -8.82 13.70 -17.85
C PHE A 565 -7.39 13.77 -17.34
N LEU A 566 -6.69 12.63 -17.28
CA LEU A 566 -5.25 12.61 -17.06
C LEU A 566 -4.48 12.46 -18.37
N ARG A 567 -5.05 12.96 -19.46
CA ARG A 567 -4.37 12.90 -20.75
C ARG A 567 -3.28 13.96 -20.85
N SER A 568 -3.65 15.24 -20.71
CA SER A 568 -2.70 16.33 -20.83
C SER A 568 -3.12 17.45 -19.90
N PRO A 569 -2.69 17.39 -18.64
CA PRO A 569 -3.02 18.47 -17.70
C PRO A 569 -2.32 19.75 -18.08
N PRO A 570 -3.06 20.85 -18.24
CA PRO A 570 -2.43 22.13 -18.58
C PRO A 570 -1.53 22.61 -17.44
N ALA A 571 -0.34 23.07 -17.81
CA ALA A 571 0.68 23.42 -16.84
C ALA A 571 0.39 24.78 -16.21
N LYS A 572 1.25 25.18 -15.27
CA LYS A 572 1.14 26.48 -14.63
C LYS A 572 2.48 26.89 -14.02
#